data_1LL1
#
_entry.id   1LL1
#
_cell.length_a   116.610
_cell.length_b   116.610
_cell.length_c   285.610
_cell.angle_alpha   90.00
_cell.angle_beta   90.00
_cell.angle_gamma   120.00
#
_symmetry.space_group_name_H-M   'H 3 2'
#
loop_
_entity.id
_entity.type
_entity.pdbx_description
1 polymer 'METCYANIN II'
2 non-polymer 'COPPER (II) ION'
3 non-polymer 'CHLORIDE ION'
4 water water
#
_entity_poly.entity_id   1
_entity_poly.type   'polypeptide(L)'
_entity_poly.pdbx_seq_one_letter_code
;TLHDKQIRVCHLFEQLSSATVIGDGDKHKHSDRLKNVGKLQPGAIFSCFHPDHLEEARHLYEVFWEAGDFNDFIEIAKEA
RTFVNEGLFAFAAEVAVLHRDDCKGLYVPPVQEIFPDKFIPSAAINEAFKKAHVRPEFDESPILVDVQDTGNILDPEYRL
AYYREDVGINAHHWHWHLVYPSTWNPKYFGKKKDRKGELFYYMHQQMCARYDCERLSNGMHRMLPFNNFDEPLAGYAPHL
THVASGKYYSPRPDGLKLRDLGDIEISEMVRMRERILDSIHLGYVISEDGSHKTLDELHGTDILGALVESSYESVNHEYY
GNLHNWGHVTMARIHDPDGRFHEEPGVMSDTSTSLRDPIFYNWHRFIDNIFHEYKNTLKPYDHDVLNFPDIQVQDVTLHA
RVDNVVHTFMREQELELKHGINPGNARSIKARYYHLDHEPFSYAVNVQNNSASDKHATVRIFLAPKYDELGNEIKADELR
RTAIELDKFKTDLHPGKNTVVRHSLDSSVTLSHQPTFEDLLHGVGLNEHKSEYCSCGWPSHLLVPKGNIKGMEYHLFVML
TDWDKDKVDGSESVACVDAVSYCGARDHKYPDKKPMGFPFDRPIHTEHISDFLTNNMFIKDIKIKFHE
;
_entity_poly.pdbx_strand_id   A
#
loop_
_chem_comp.id
_chem_comp.type
_chem_comp.name
_chem_comp.formula
CL non-polymer 'CHLORIDE ION' 'Cl -1'
CU non-polymer 'COPPER (II) ION' 'Cu 2'
#
# COMPACT_ATOMS: atom_id res chain seq x y z
N THR A 1 -8.64 6.90 -23.44
CA THR A 1 -9.88 7.19 -24.19
C THR A 1 -9.80 8.59 -24.78
N LEU A 2 -10.87 9.01 -25.45
CA LEU A 2 -10.95 10.32 -26.07
C LEU A 2 -10.54 11.38 -25.04
N HIS A 3 -9.58 12.23 -25.41
CA HIS A 3 -9.08 13.29 -24.53
C HIS A 3 -10.21 14.18 -24.01
N ASP A 4 -11.35 14.19 -24.71
CA ASP A 4 -12.51 14.98 -24.30
C ASP A 4 -13.03 14.41 -22.98
N LYS A 5 -13.07 13.08 -22.92
CA LYS A 5 -13.54 12.36 -21.73
C LYS A 5 -12.61 12.61 -20.54
N GLN A 6 -11.31 12.60 -20.79
CA GLN A 6 -10.31 12.83 -19.76
C GLN A 6 -10.37 14.23 -19.15
N ILE A 7 -10.61 15.22 -19.99
CA ILE A 7 -10.69 16.62 -19.55
C ILE A 7 -11.92 16.84 -18.67
N ARG A 8 -13.03 16.21 -19.04
CA ARG A 8 -14.29 16.33 -18.30
C ARG A 8 -14.18 15.70 -16.91
N VAL A 9 -13.38 14.64 -16.84
CA VAL A 9 -13.14 13.94 -15.57
C VAL A 9 -12.25 14.82 -14.70
N CYS A 10 -11.27 15.49 -15.30
CA CYS A 10 -10.37 16.38 -14.56
C CYS A 10 -11.15 17.51 -13.90
N HIS A 11 -12.22 17.95 -14.56
CA HIS A 11 -13.04 19.00 -14.01
C HIS A 11 -13.73 18.58 -12.72
N LEU A 12 -14.10 17.31 -12.63
CA LEU A 12 -14.75 16.79 -11.44
C LEU A 12 -13.86 16.92 -10.21
N PHE A 13 -12.56 16.79 -10.41
CA PHE A 13 -11.58 16.86 -9.33
C PHE A 13 -10.91 18.21 -9.18
N GLU A 14 -11.44 19.22 -9.86
CA GLU A 14 -10.89 20.57 -9.81
C GLU A 14 -11.43 21.37 -8.64
N GLN A 15 -10.53 21.88 -7.80
CA GLN A 15 -10.88 22.70 -6.65
C GLN A 15 -12.00 22.09 -5.81
N LEU A 16 -11.82 20.83 -5.40
CA LEU A 16 -12.79 20.11 -4.60
C LEU A 16 -13.07 20.74 -3.24
N SER A 17 -12.03 21.30 -2.63
CA SER A 17 -12.14 21.94 -1.31
C SER A 17 -13.23 23.00 -1.25
N SER A 18 -13.42 23.72 -2.35
CA SER A 18 -14.40 24.78 -2.43
C SER A 18 -15.54 24.53 -3.43
N ALA A 19 -16.68 24.07 -2.91
CA ALA A 19 -17.86 23.80 -3.73
C ALA A 19 -19.01 23.50 -2.77
N THR A 20 -18.91 22.39 -2.05
CA THR A 20 -19.92 21.96 -1.08
C THR A 20 -19.60 22.55 0.29
N VAL A 21 -31.54 15.78 -6.80
CA VAL A 21 -32.01 14.64 -7.62
C VAL A 21 -32.52 13.52 -6.72
N ILE A 22 -33.47 12.74 -7.22
CA ILE A 22 -34.04 11.63 -6.47
C ILE A 22 -33.01 10.51 -6.28
N ARG A 33 -31.98 10.52 -7.13
CA ARG A 33 -30.90 9.53 -7.08
C ARG A 33 -30.01 9.72 -5.86
N LEU A 34 -29.75 10.98 -5.50
CA LEU A 34 -28.87 11.32 -4.39
C LEU A 34 -29.54 11.53 -3.03
N LYS A 35 -30.52 10.70 -2.71
CA LYS A 35 -31.24 10.84 -1.44
C LYS A 35 -30.55 10.29 -0.19
N ASN A 36 -29.86 9.16 -0.31
CA ASN A 36 -29.16 8.59 0.85
C ASN A 36 -27.69 8.96 0.91
N VAL A 37 -27.32 9.99 0.15
CA VAL A 37 -25.95 10.50 0.14
C VAL A 37 -26.02 11.97 0.53
N GLY A 38 -24.98 12.47 1.18
CA GLY A 38 -24.96 13.85 1.61
C GLY A 38 -25.31 13.98 3.09
N LYS A 39 -24.81 13.05 3.90
CA LYS A 39 -25.07 13.07 5.33
C LYS A 39 -23.84 13.60 6.09
N LEU A 40 -22.67 13.28 5.59
CA LEU A 40 -21.42 13.74 6.19
C LEU A 40 -21.18 15.17 5.68
N GLN A 41 -21.37 16.15 6.56
CA GLN A 41 -21.21 17.55 6.21
C GLN A 41 -19.82 17.86 5.62
N PRO A 42 -19.77 18.70 4.58
CA PRO A 42 -18.52 19.09 3.92
C PRO A 42 -17.59 19.79 4.92
N GLY A 43 -16.29 19.66 4.71
CA GLY A 43 -15.33 20.26 5.61
C GLY A 43 -14.75 19.26 6.60
N ALA A 44 -15.58 18.29 7.02
CA ALA A 44 -15.16 17.26 7.96
C ALA A 44 -14.24 16.26 7.26
N ILE A 45 -13.27 15.73 8.01
CA ILE A 45 -12.34 14.74 7.49
C ILE A 45 -13.14 13.46 7.18
N PHE A 46 -12.95 12.91 5.98
CA PHE A 46 -13.63 11.67 5.58
C PHE A 46 -12.79 10.48 6.04
N SER A 47 -13.45 9.50 6.68
CA SER A 47 -12.77 8.30 7.17
C SER A 47 -12.99 7.13 6.21
N CYS A 48 -11.88 6.52 5.78
CA CYS A 48 -11.92 5.39 4.86
C CYS A 48 -12.00 4.08 5.62
N PHE A 49 -12.20 4.15 6.93
CA PHE A 49 -12.25 2.95 7.75
C PHE A 49 -13.50 2.84 8.62
N HIS A 50 -14.09 3.98 8.97
CA HIS A 50 -15.29 3.97 9.77
C HIS A 50 -16.49 3.51 8.92
N PRO A 51 -17.24 2.51 9.39
CA PRO A 51 -18.42 1.92 8.73
C PRO A 51 -19.46 2.91 8.20
N ASP A 52 -19.78 3.92 8.99
CA ASP A 52 -20.78 4.90 8.59
C ASP A 52 -20.31 5.81 7.45
N HIS A 53 -19.00 6.03 7.35
CA HIS A 53 -18.47 6.86 6.28
C HIS A 53 -18.43 6.08 4.98
N LEU A 54 -17.99 4.82 5.09
CA LEU A 54 -17.90 3.92 3.95
C LEU A 54 -19.27 3.57 3.40
N GLU A 55 -20.29 3.64 4.26
CA GLU A 55 -21.67 3.36 3.90
C GLU A 55 -22.12 4.39 2.88
N GLU A 56 -21.95 5.66 3.23
CA GLU A 56 -22.33 6.77 2.38
C GLU A 56 -21.45 6.80 1.12
N ALA A 57 -20.18 6.47 1.28
CA ALA A 57 -19.25 6.44 0.16
C ALA A 57 -19.68 5.38 -0.86
N ARG A 58 -20.16 4.24 -0.35
CA ARG A 58 -20.62 3.13 -1.17
C ARG A 58 -21.84 3.56 -1.97
N HIS A 59 -22.84 4.07 -1.27
CA HIS A 59 -24.07 4.54 -1.92
C HIS A 59 -23.74 5.48 -3.07
N LEU A 60 -22.80 6.40 -2.83
CA LEU A 60 -22.41 7.36 -3.85
C LEU A 60 -21.77 6.70 -5.07
N TYR A 61 -20.83 5.78 -4.85
CA TYR A 61 -20.20 5.14 -6.01
C TYR A 61 -21.14 4.16 -6.71
N GLU A 62 -22.23 3.81 -6.04
CA GLU A 62 -23.21 2.93 -6.64
C GLU A 62 -24.07 3.76 -7.57
N VAL A 63 -24.37 4.99 -7.12
CA VAL A 63 -25.14 5.92 -7.90
C VAL A 63 -24.34 6.20 -9.18
N PHE A 64 -23.04 6.42 -9.00
CA PHE A 64 -22.15 6.69 -10.12
C PHE A 64 -22.06 5.48 -11.03
N TRP A 65 -22.09 4.30 -10.43
CA TRP A 65 -21.99 3.03 -11.15
C TRP A 65 -23.18 2.77 -12.08
N GLU A 66 -24.38 2.98 -11.56
CA GLU A 66 -25.60 2.75 -12.31
C GLU A 66 -25.93 3.82 -13.34
N ALA A 67 -25.08 4.84 -13.46
CA ALA A 67 -25.31 5.91 -14.43
C ALA A 67 -25.37 5.30 -15.82
N GLY A 68 -26.46 5.57 -16.53
CA GLY A 68 -26.66 5.03 -17.88
C GLY A 68 -25.47 5.10 -18.82
N ASP A 69 -24.81 6.26 -18.89
CA ASP A 69 -23.66 6.40 -19.76
C ASP A 69 -22.71 7.47 -19.21
N PHE A 70 -21.58 7.66 -19.89
CA PHE A 70 -20.58 8.63 -19.48
C PHE A 70 -21.15 10.03 -19.25
N ASN A 71 -22.04 10.48 -20.14
CA ASN A 71 -22.65 11.81 -20.02
C ASN A 71 -23.53 11.93 -18.79
N ASP A 72 -24.25 10.86 -18.48
CA ASP A 72 -25.12 10.83 -17.31
C ASP A 72 -24.24 10.71 -16.05
N PHE A 73 -23.09 10.06 -16.21
CA PHE A 73 -22.13 9.86 -15.12
C PHE A 73 -21.55 11.21 -14.67
N ILE A 74 -21.05 11.99 -15.63
CA ILE A 74 -20.48 13.30 -15.33
C ILE A 74 -21.53 14.27 -14.82
N GLU A 75 -22.76 14.12 -15.32
CA GLU A 75 -23.85 15.00 -14.91
C GLU A 75 -24.26 14.80 -13.46
N ILE A 76 -24.44 13.53 -13.08
CA ILE A 76 -24.83 13.21 -11.70
C ILE A 76 -23.68 13.50 -10.74
N ALA A 77 -22.45 13.32 -11.21
CA ALA A 77 -21.27 13.56 -10.39
C ALA A 77 -21.16 15.05 -10.10
N LYS A 78 -21.39 15.86 -11.13
CA LYS A 78 -21.35 17.33 -11.03
C LYS A 78 -22.33 17.81 -9.98
N GLU A 79 -23.49 17.18 -9.92
CA GLU A 79 -24.51 17.56 -8.97
C GLU A 79 -24.13 17.13 -7.56
N ALA A 80 -23.61 15.92 -7.42
CA ALA A 80 -23.23 15.39 -6.12
C ALA A 80 -22.13 16.18 -5.41
N ARG A 81 -21.13 16.63 -6.16
CA ARG A 81 -20.03 17.38 -5.56
C ARG A 81 -20.40 18.74 -4.98
N THR A 82 -21.59 19.24 -5.31
CA THR A 82 -22.03 20.54 -4.81
C THR A 82 -22.57 20.50 -3.38
N PHE A 83 -22.83 19.30 -2.86
CA PHE A 83 -23.35 19.17 -1.49
C PHE A 83 -22.76 18.04 -0.66
N VAL A 84 -22.10 17.09 -1.32
CA VAL A 84 -21.49 15.96 -0.62
C VAL A 84 -20.09 16.31 -0.11
N ASN A 85 -19.67 15.64 0.97
CA ASN A 85 -18.34 15.86 1.56
C ASN A 85 -17.32 15.63 0.44
N GLU A 86 -16.34 16.52 0.34
CA GLU A 86 -15.33 16.41 -0.72
C GLU A 86 -14.42 15.20 -0.67
N GLY A 87 -14.15 14.67 0.52
CA GLY A 87 -13.28 13.51 0.64
C GLY A 87 -14.04 12.29 0.18
N LEU A 88 -15.28 12.20 0.61
CA LEU A 88 -16.16 11.10 0.27
C LEU A 88 -16.39 11.09 -1.22
N PHE A 89 -16.44 12.28 -1.83
CA PHE A 89 -16.66 12.38 -3.25
C PHE A 89 -15.47 11.86 -4.03
N ALA A 90 -14.28 12.35 -3.71
CA ALA A 90 -13.05 11.91 -4.39
C ALA A 90 -12.95 10.40 -4.33
N PHE A 91 -13.34 9.84 -3.20
CA PHE A 91 -13.31 8.40 -2.97
C PHE A 91 -14.30 7.73 -3.93
N ALA A 92 -15.57 8.12 -3.85
CA ALA A 92 -16.63 7.55 -4.69
C ALA A 92 -16.39 7.71 -6.19
N ALA A 93 -15.80 8.84 -6.58
CA ALA A 93 -15.52 9.13 -7.99
C ALA A 93 -14.36 8.34 -8.54
N GLU A 94 -13.30 8.16 -7.74
CA GLU A 94 -12.17 7.40 -8.23
C GLU A 94 -12.55 5.94 -8.45
N VAL A 95 -13.41 5.41 -7.58
CA VAL A 95 -13.88 4.03 -7.71
C VAL A 95 -14.69 3.87 -9.01
N ALA A 96 -15.51 4.87 -9.30
CA ALA A 96 -16.34 4.85 -10.50
C ALA A 96 -15.48 4.86 -11.77
N VAL A 97 -14.48 5.75 -11.80
CA VAL A 97 -13.61 5.86 -12.97
C VAL A 97 -12.82 4.59 -13.25
N LEU A 98 -12.29 3.97 -12.21
CA LEU A 98 -11.51 2.75 -12.34
C LEU A 98 -12.31 1.54 -12.79
N HIS A 99 -13.61 1.52 -12.48
CA HIS A 99 -14.45 0.38 -12.80
C HIS A 99 -15.45 0.48 -13.95
N ARG A 100 -15.84 1.70 -14.33
CA ARG A 100 -16.79 1.86 -15.43
C ARG A 100 -16.10 1.54 -16.75
N ASP A 101 -16.84 0.90 -17.66
CA ASP A 101 -16.30 0.53 -18.96
C ASP A 101 -16.08 1.74 -19.86
N ASP A 102 -16.98 2.73 -19.76
CA ASP A 102 -16.86 3.95 -20.56
C ASP A 102 -15.67 4.81 -20.13
N CYS A 103 -15.12 4.51 -18.97
CA CYS A 103 -13.96 5.22 -18.43
C CYS A 103 -12.65 4.48 -18.64
N LYS A 104 -12.72 3.31 -19.30
CA LYS A 104 -11.52 2.54 -19.57
C LYS A 104 -10.59 3.41 -20.40
N GLY A 105 -9.35 3.52 -19.93
CA GLY A 105 -8.38 4.35 -20.62
C GLY A 105 -8.20 5.68 -19.93
N LEU A 106 -9.17 6.06 -19.12
CA LEU A 106 -9.10 7.33 -18.41
C LEU A 106 -8.32 7.26 -17.10
N TYR A 107 -7.44 8.24 -16.89
CA TYR A 107 -6.64 8.38 -15.68
C TYR A 107 -7.44 9.20 -14.68
N VAL A 108 -6.95 9.26 -13.45
CA VAL A 108 -7.56 10.05 -12.41
C VAL A 108 -6.47 11.03 -12.01
N PRO A 109 -6.81 12.33 -11.87
CA PRO A 109 -5.79 13.31 -11.50
C PRO A 109 -5.15 12.90 -10.17
N PRO A 110 -3.85 13.15 -10.02
CA PRO A 110 -3.10 12.81 -8.81
C PRO A 110 -3.80 13.32 -7.56
N VAL A 111 -3.98 12.45 -6.58
CA VAL A 111 -4.64 12.80 -5.33
C VAL A 111 -3.91 13.91 -4.56
N GLN A 112 -2.59 13.97 -4.71
CA GLN A 112 -1.78 14.97 -4.04
C GLN A 112 -2.02 16.36 -4.65
N GLU A 113 -2.52 16.39 -5.88
CA GLU A 113 -2.82 17.65 -6.55
C GLU A 113 -4.27 18.04 -6.34
N ILE A 114 -5.07 17.06 -5.92
CA ILE A 114 -6.48 17.29 -5.64
C ILE A 114 -6.58 17.84 -4.22
N PHE A 115 -5.82 17.24 -3.30
CA PHE A 115 -5.79 17.65 -1.91
C PHE A 115 -4.34 17.85 -1.46
N PRO A 116 -3.65 18.86 -2.01
CA PRO A 116 -2.25 19.11 -1.64
C PRO A 116 -2.05 19.41 -0.16
N ASP A 117 -3.14 19.74 0.54
CA ASP A 117 -3.08 20.03 1.97
C ASP A 117 -2.98 18.78 2.85
N LYS A 118 -3.03 17.61 2.23
CA LYS A 118 -2.91 16.34 2.94
C LYS A 118 -1.50 15.80 2.73
N PHE A 119 -0.74 16.49 1.88
CA PHE A 119 0.62 16.06 1.55
C PHE A 119 1.69 17.10 1.88
N ILE A 120 1.29 18.37 1.91
CA ILE A 120 2.21 19.45 2.22
C ILE A 120 1.89 19.97 3.62
N PRO A 121 2.91 20.24 4.44
CA PRO A 121 2.70 20.73 5.81
C PRO A 121 1.94 22.06 5.90
N SER A 122 1.18 22.20 6.98
CA SER A 122 0.34 23.37 7.26
C SER A 122 1.03 24.72 7.06
N ALA A 123 2.30 24.80 7.44
CA ALA A 123 3.06 26.04 7.29
C ALA A 123 3.26 26.41 5.83
N ALA A 124 3.65 25.43 5.02
CA ALA A 124 3.89 25.65 3.60
C ALA A 124 2.60 26.03 2.87
N ILE A 125 1.51 25.35 3.22
CA ILE A 125 0.20 25.61 2.61
C ILE A 125 -0.27 27.03 2.96
N ASN A 126 -0.06 27.42 4.20
CA ASN A 126 -0.47 28.74 4.69
C ASN A 126 0.37 29.83 4.03
N GLU A 127 1.67 29.60 3.93
CA GLU A 127 2.58 30.55 3.33
C GLU A 127 2.27 30.73 1.85
N ALA A 128 1.80 29.66 1.21
CA ALA A 128 1.46 29.69 -0.20
C ALA A 128 0.40 30.76 -0.50
N PHE A 129 -0.25 31.26 0.54
CA PHE A 129 -1.26 32.28 0.37
C PHE A 129 -0.71 33.70 0.32
N LYS A 130 -0.13 34.06 -0.82
CA LYS A 130 0.40 35.40 -1.02
C LYS A 130 -0.70 36.34 -1.52
N LYS A 131 4.53 33.27 -10.74
CA LYS A 131 4.78 31.88 -10.24
C LYS A 131 5.31 31.87 -8.81
N ILE A 143 4.43 31.54 -7.87
CA ILE A 143 4.77 31.46 -6.46
C ILE A 143 5.51 30.15 -6.16
N LEU A 144 6.42 30.17 -5.19
CA LEU A 144 7.17 28.99 -4.82
C LEU A 144 7.45 28.96 -3.32
N VAL A 145 7.02 27.90 -2.66
CA VAL A 145 7.23 27.74 -1.22
C VAL A 145 8.04 26.48 -0.95
N ASP A 146 9.19 26.64 -0.30
CA ASP A 146 10.06 25.51 0.01
C ASP A 146 9.59 24.81 1.29
N VAL A 147 9.07 23.59 1.13
CA VAL A 147 8.57 22.80 2.26
C VAL A 147 9.69 22.37 3.23
N GLY A 151 13.63 23.84 12.57
CA GLY A 151 13.07 23.12 13.75
C GLY A 151 14.02 22.08 14.28
N ASN A 152 14.42 22.23 15.54
CA ASN A 152 15.34 21.28 16.18
C ASN A 152 14.71 19.89 16.28
N ILE A 153 15.46 18.88 15.85
CA ILE A 153 15.03 17.49 15.86
C ILE A 153 15.08 16.92 17.29
N LEU A 154 13.94 16.89 17.98
CA LEU A 154 13.94 16.35 19.34
C LEU A 154 13.34 14.97 19.38
N ASP A 155 13.09 14.39 18.21
CA ASP A 155 12.49 13.06 18.11
C ASP A 155 13.22 12.22 17.06
N PRO A 156 13.84 11.11 17.48
CA PRO A 156 14.57 10.23 16.57
C PRO A 156 13.71 9.64 15.45
N GLU A 157 12.41 9.52 15.71
CA GLU A 157 11.46 8.98 14.73
C GLU A 157 11.35 9.90 13.51
N TYR A 158 11.82 11.13 13.67
CA TYR A 158 11.81 12.13 12.60
C TYR A 158 12.79 11.74 11.48
N ARG A 159 13.82 10.98 11.81
CA ARG A 159 14.80 10.55 10.82
C ARG A 159 14.21 9.59 9.79
N LEU A 160 12.96 9.20 10.00
CA LEU A 160 12.27 8.28 9.09
C LEU A 160 11.11 8.97 8.40
N ALA A 161 11.07 10.30 8.51
CA ALA A 161 10.02 11.10 7.90
C ALA A 161 10.05 11.03 6.38
N TYR A 162 11.25 10.81 5.82
CA TYR A 162 11.40 10.71 4.37
C TYR A 162 10.57 9.57 3.81
N TYR A 163 10.36 8.53 4.62
CA TYR A 163 9.58 7.38 4.20
C TYR A 163 8.11 7.56 4.58
N ARG A 164 7.86 7.79 5.87
CA ARG A 164 6.51 7.97 6.38
C ARG A 164 5.72 9.07 5.70
N GLU A 165 6.34 10.23 5.55
CA GLU A 165 5.68 11.38 4.93
C GLU A 165 5.89 11.56 3.44
N ASP A 166 6.37 10.49 2.78
CA ASP A 166 6.60 10.53 1.34
C ASP A 166 5.29 10.66 0.57
N VAL A 167 5.23 11.66 -0.31
CA VAL A 167 4.03 11.92 -1.11
C VAL A 167 3.57 10.73 -1.95
N GLY A 168 4.52 10.07 -2.60
CA GLY A 168 4.20 8.93 -3.43
C GLY A 168 3.68 7.73 -2.66
N ILE A 169 4.30 7.43 -1.53
CA ILE A 169 3.90 6.29 -0.71
C ILE A 169 2.47 6.43 -0.17
N ASN A 170 2.12 7.65 0.25
CA ASN A 170 0.79 7.91 0.76
C ASN A 170 -0.22 7.92 -0.37
N ALA A 171 0.22 8.36 -1.55
CA ALA A 171 -0.64 8.39 -2.71
C ALA A 171 -0.98 6.95 -3.08
N HIS A 172 0.02 6.09 -3.05
CA HIS A 172 -0.19 4.67 -3.38
C HIS A 172 -1.19 4.04 -2.44
N HIS A 173 -1.05 4.31 -1.14
CA HIS A 173 -1.95 3.74 -0.15
C HIS A 173 -3.41 4.09 -0.44
N TRP A 174 -3.64 5.34 -0.82
CA TRP A 174 -4.98 5.83 -1.14
C TRP A 174 -5.54 5.05 -2.36
N HIS A 175 -4.68 4.91 -3.38
CA HIS A 175 -5.03 4.22 -4.62
C HIS A 175 -5.28 2.73 -4.43
N TRP A 176 -4.44 2.08 -3.64
CA TRP A 176 -4.57 0.65 -3.41
C TRP A 176 -5.94 0.33 -2.81
N HIS A 177 -6.35 1.11 -1.83
CA HIS A 177 -7.64 0.91 -1.18
C HIS A 177 -8.83 1.17 -2.08
N LEU A 178 -8.58 1.81 -3.21
CA LEU A 178 -9.64 2.12 -4.17
C LEU A 178 -9.74 1.07 -5.25
N VAL A 179 -8.63 0.37 -5.48
CA VAL A 179 -8.60 -0.71 -6.46
C VAL A 179 -9.19 -1.91 -5.73
N TYR A 180 -8.94 -1.97 -4.42
CA TYR A 180 -9.41 -3.05 -3.56
C TYR A 180 -10.20 -2.56 -2.36
N PRO A 181 -11.38 -1.96 -2.60
CA PRO A 181 -12.23 -1.44 -1.53
C PRO A 181 -12.80 -2.55 -0.65
N SER A 182 -12.85 -2.31 0.66
CA SER A 182 -13.35 -3.31 1.59
C SER A 182 -14.85 -3.51 1.52
N THR A 183 -15.56 -2.55 0.93
CA THR A 183 -17.02 -2.64 0.80
C THR A 183 -17.44 -3.30 -0.52
N TRP A 184 -16.46 -3.82 -1.25
CA TRP A 184 -16.71 -4.47 -2.53
C TRP A 184 -17.66 -5.64 -2.43
N ASN A 185 -18.74 -5.58 -3.19
CA ASN A 185 -19.74 -6.63 -3.24
C ASN A 185 -19.66 -7.25 -4.63
N PRO A 186 -19.06 -8.46 -4.74
CA PRO A 186 -18.87 -9.19 -5.99
C PRO A 186 -20.13 -9.48 -6.81
N LYS A 187 -21.21 -9.88 -6.14
CA LYS A 187 -22.45 -10.18 -6.86
C LYS A 187 -23.09 -8.93 -7.43
N TYR A 188 -22.88 -7.79 -6.76
CA TYR A 188 -23.42 -6.52 -7.21
C TYR A 188 -22.72 -6.09 -8.50
N PHE A 189 -21.40 -5.97 -8.44
CA PHE A 189 -20.60 -5.58 -9.60
C PHE A 189 -20.50 -6.68 -10.66
N GLY A 190 -20.75 -7.93 -10.27
CA GLY A 190 -20.65 -9.03 -11.21
C GLY A 190 -19.23 -9.54 -11.42
N LYS A 191 -18.25 -8.78 -10.93
CA LYS A 191 -16.84 -9.15 -11.05
C LYS A 191 -16.20 -9.32 -9.66
N LYS A 192 -15.22 -10.21 -9.56
CA LYS A 192 -14.55 -10.46 -8.29
C LYS A 192 -13.12 -9.95 -8.30
N LYS A 193 -12.67 -9.47 -7.15
CA LYS A 193 -11.30 -8.98 -6.99
C LYS A 193 -10.52 -10.21 -6.53
N ASP A 194 -9.85 -10.87 -7.47
CA ASP A 194 -9.09 -12.07 -7.17
C ASP A 194 -8.12 -11.93 -6.00
N ARG A 195 -8.26 -12.81 -5.02
CA ARG A 195 -7.43 -12.86 -3.83
C ARG A 195 -7.23 -11.52 -3.12
N LYS A 196 -8.32 -10.76 -3.00
CA LYS A 196 -8.29 -9.46 -2.33
C LYS A 196 -7.86 -9.59 -0.86
N GLY A 197 -8.35 -10.61 -0.19
CA GLY A 197 -7.98 -10.81 1.21
C GLY A 197 -6.49 -11.09 1.35
N GLU A 198 -5.94 -11.83 0.40
CA GLU A 198 -4.51 -12.16 0.43
C GLU A 198 -3.63 -10.98 0.03
N LEU A 199 -4.11 -10.18 -0.92
CA LEU A 199 -3.37 -9.01 -1.40
C LEU A 199 -3.38 -7.94 -0.30
N PHE A 200 -4.48 -7.86 0.43
CA PHE A 200 -4.59 -6.92 1.53
C PHE A 200 -3.45 -7.25 2.50
N TYR A 201 -3.33 -8.53 2.84
CA TYR A 201 -2.29 -8.99 3.75
C TYR A 201 -0.87 -8.63 3.27
N TYR A 202 -0.55 -9.06 2.06
CA TYR A 202 0.77 -8.85 1.47
C TYR A 202 1.15 -7.38 1.28
N MET A 203 0.20 -6.58 0.81
CA MET A 203 0.47 -5.16 0.60
C MET A 203 0.91 -4.53 1.92
N HIS A 204 0.12 -4.74 2.96
CA HIS A 204 0.43 -4.19 4.27
C HIS A 204 1.65 -4.83 4.93
N GLN A 205 1.89 -6.11 4.61
CA GLN A 205 3.04 -6.83 5.15
C GLN A 205 4.29 -6.16 4.57
N GLN A 206 4.24 -5.87 3.28
CA GLN A 206 5.34 -5.23 2.57
C GLN A 206 5.60 -3.81 3.03
N MET A 207 4.53 -3.07 3.36
CA MET A 207 4.69 -1.70 3.85
C MET A 207 5.43 -1.73 5.17
N CYS A 208 5.22 -2.79 5.94
CA CYS A 208 5.89 -2.96 7.22
C CYS A 208 7.32 -3.45 7.05
N ALA A 209 7.54 -4.36 6.11
CA ALA A 209 8.86 -4.89 5.84
C ALA A 209 9.75 -3.76 5.36
N ARG A 210 9.20 -2.94 4.47
CA ARG A 210 9.92 -1.80 3.91
C ARG A 210 10.26 -0.76 4.97
N TYR A 211 9.30 -0.48 5.86
CA TYR A 211 9.51 0.48 6.94
C TYR A 211 10.61 -0.03 7.86
N ASP A 212 10.61 -1.33 8.14
CA ASP A 212 11.63 -1.94 8.98
C ASP A 212 13.01 -1.81 8.35
N CYS A 213 13.08 -1.81 7.03
CA CYS A 213 14.36 -1.67 6.36
C CYS A 213 14.88 -0.25 6.51
N GLU A 214 13.98 0.71 6.64
CA GLU A 214 14.37 2.10 6.84
C GLU A 214 14.84 2.28 8.27
N ARG A 215 14.19 1.60 9.21
CA ARG A 215 14.62 1.70 10.60
C ARG A 215 16.04 1.18 10.74
N LEU A 216 16.28 -0.03 10.22
CA LEU A 216 17.62 -0.63 10.28
C LEU A 216 18.61 0.25 9.54
N SER A 217 18.20 0.83 8.42
CA SER A 217 19.07 1.73 7.65
C SER A 217 19.53 2.87 8.53
N ASN A 218 18.63 3.37 9.37
CA ASN A 218 18.91 4.48 10.28
C ASN A 218 19.35 4.02 11.67
N GLY A 219 19.94 2.83 11.74
CA GLY A 219 20.44 2.31 13.00
C GLY A 219 19.44 2.03 14.10
N MET A 220 18.16 2.03 13.75
CA MET A 220 17.10 1.76 14.72
C MET A 220 16.60 0.33 14.72
N HIS A 221 16.05 -0.08 15.85
CA HIS A 221 15.50 -1.42 16.02
C HIS A 221 14.25 -1.58 15.15
N ARG A 222 13.85 -2.83 14.89
CA ARG A 222 12.66 -3.10 14.09
C ARG A 222 11.44 -2.65 14.90
N MET A 223 10.40 -2.17 14.22
CA MET A 223 9.19 -1.69 14.88
C MET A 223 8.47 -2.81 15.62
N LEU A 224 8.13 -2.59 16.88
CA LEU A 224 7.43 -3.59 17.69
C LEU A 224 5.91 -3.54 17.44
N PRO A 225 5.25 -4.70 17.48
CA PRO A 225 3.80 -4.76 17.26
C PRO A 225 3.01 -4.22 18.43
N PHE A 226 1.86 -3.66 18.13
CA PHE A 226 0.97 -3.11 19.16
C PHE A 226 -0.01 -4.22 19.50
N ASN A 227 0.40 -5.17 20.33
CA ASN A 227 -0.46 -6.28 20.72
C ASN A 227 -1.05 -6.20 22.13
N ASN A 228 -0.71 -5.14 22.85
CA ASN A 228 -1.26 -4.93 24.18
C ASN A 228 -2.09 -3.66 24.07
N PHE A 229 -3.42 -3.81 24.01
CA PHE A 229 -4.31 -2.67 23.87
C PHE A 229 -4.34 -1.74 25.07
N ASP A 230 -3.54 -2.03 26.09
CA ASP A 230 -3.46 -1.19 27.30
C ASP A 230 -2.25 -0.27 27.24
N GLU A 231 -1.24 -0.68 26.47
CA GLU A 231 -0.02 0.11 26.34
C GLU A 231 -0.33 1.49 25.78
N PRO A 232 0.27 2.55 26.35
CA PRO A 232 0.06 3.93 25.91
C PRO A 232 0.73 4.16 24.55
N LEU A 233 0.04 4.82 23.62
CA LEU A 233 0.62 5.10 22.29
C LEU A 233 1.54 6.32 22.32
N ALA A 234 2.60 6.27 21.52
CA ALA A 234 3.55 7.38 21.41
C ALA A 234 2.83 8.41 20.57
N GLY A 235 3.15 9.69 20.79
CA GLY A 235 2.49 10.74 20.04
C GLY A 235 2.96 10.97 18.62
N TYR A 236 2.34 11.95 17.98
CA TYR A 236 2.65 12.35 16.63
C TYR A 236 1.74 13.51 16.22
N ALA A 237 2.36 14.63 15.87
CA ALA A 237 1.67 15.82 15.43
C ALA A 237 1.82 15.81 13.90
N PRO A 238 0.71 15.65 13.16
CA PRO A 238 0.76 15.62 11.69
C PRO A 238 1.07 16.96 11.03
N HIS A 239 0.63 18.05 11.66
CA HIS A 239 0.82 19.40 11.12
C HIS A 239 0.19 19.50 9.72
N LEU A 240 -0.94 18.85 9.54
CA LEU A 240 -1.67 18.89 8.27
C LEU A 240 -2.94 19.69 8.52
N THR A 241 -3.17 20.67 7.66
CA THR A 241 -4.34 21.51 7.79
C THR A 241 -5.36 21.14 6.73
N HIS A 242 -6.64 21.21 7.09
CA HIS A 242 -7.69 20.92 6.15
C HIS A 242 -8.30 22.27 5.74
N VAL A 243 -7.70 22.88 4.71
CA VAL A 243 -8.12 24.18 4.22
C VAL A 243 -9.62 24.29 3.84
N ALA A 244 -10.22 23.16 3.47
CA ALA A 244 -11.63 23.09 3.09
C ALA A 244 -12.60 23.42 4.22
N SER A 245 -12.07 23.78 5.40
CA SER A 245 -12.90 24.10 6.54
C SER A 245 -12.12 24.81 7.62
N GLY A 246 -10.82 24.99 7.39
CA GLY A 246 -9.99 25.64 8.37
C GLY A 246 -9.62 24.74 9.53
N LYS A 247 -10.16 23.52 9.54
CA LYS A 247 -9.86 22.55 10.58
C LYS A 247 -8.49 21.94 10.32
N TYR A 248 -8.20 20.84 10.99
CA TYR A 248 -6.90 20.18 10.85
C TYR A 248 -6.98 18.76 11.39
N TYR A 249 -6.04 17.91 10.97
CA TYR A 249 -5.98 16.53 11.46
C TYR A 249 -5.48 16.68 12.89
N SER A 250 -6.19 16.07 13.84
CA SER A 250 -5.81 16.19 15.24
C SER A 250 -4.53 15.49 15.63
N PRO A 251 -3.63 16.22 16.31
CA PRO A 251 -2.35 15.67 16.77
C PRO A 251 -2.61 14.76 17.96
N ARG A 252 -1.72 13.81 18.19
CA ARG A 252 -1.85 12.88 19.31
C ARG A 252 -0.65 13.03 20.23
N PRO A 253 -0.86 13.50 21.47
CA PRO A 253 0.27 13.66 22.39
C PRO A 253 0.75 12.30 22.92
N ASP A 254 1.87 12.29 23.62
CA ASP A 254 2.40 11.05 24.18
C ASP A 254 1.59 10.60 25.37
N GLY A 255 1.55 9.29 25.58
CA GLY A 255 0.88 8.74 26.74
C GLY A 255 -0.61 8.48 26.82
N LEU A 256 -1.33 8.52 25.71
CA LEU A 256 -2.76 8.24 25.75
C LEU A 256 -2.97 6.75 25.51
N LYS A 257 -4.01 6.19 26.11
CA LYS A 257 -4.35 4.78 25.96
C LYS A 257 -5.62 4.74 25.11
N LEU A 258 -5.82 3.64 24.40
CA LEU A 258 -6.98 3.46 23.54
C LEU A 258 -8.27 3.51 24.36
N ARG A 259 -9.14 4.46 24.02
CA ARG A 259 -10.42 4.63 24.70
C ARG A 259 -11.60 4.15 23.86
N ASP A 260 -12.67 3.76 24.54
CA ASP A 260 -13.87 3.28 23.87
C ASP A 260 -14.54 4.40 23.12
N LEU A 261 -15.00 4.10 21.90
CA LEU A 261 -15.72 5.11 21.15
C LEU A 261 -17.19 4.79 21.40
N GLY A 262 -18.07 5.53 20.75
CA GLY A 262 -19.49 5.31 20.93
C GLY A 262 -19.90 3.98 20.32
N ASP A 263 -19.50 3.78 19.06
CA ASP A 263 -19.85 2.54 18.37
C ASP A 263 -18.84 1.41 18.45
N ILE A 264 -17.88 1.49 19.38
CA ILE A 264 -16.91 0.41 19.54
C ILE A 264 -16.13 0.47 20.84
N GLU A 265 -16.09 -0.66 21.54
CA GLU A 265 -15.34 -0.77 22.78
C GLU A 265 -14.11 -1.57 22.41
N ILE A 266 -12.97 -1.24 23.01
CA ILE A 266 -11.76 -1.96 22.69
C ILE A 266 -11.79 -3.40 23.18
N SER A 267 -12.63 -3.68 24.18
CA SER A 267 -12.76 -5.03 24.73
C SER A 267 -13.44 -5.92 23.71
N GLU A 268 -14.11 -5.28 22.75
CA GLU A 268 -14.78 -5.99 21.67
C GLU A 268 -13.73 -6.30 20.62
N MET A 269 -12.74 -5.42 20.50
CA MET A 269 -11.64 -5.61 19.57
C MET A 269 -10.77 -6.75 20.06
N VAL A 270 -10.60 -6.83 21.37
CA VAL A 270 -9.83 -7.89 22.01
C VAL A 270 -10.57 -9.21 21.79
N ARG A 271 -11.90 -9.14 21.82
CA ARG A 271 -12.72 -10.32 21.62
C ARG A 271 -12.58 -10.82 20.18
N MET A 272 -12.50 -9.88 19.23
CA MET A 272 -12.33 -10.21 17.82
C MET A 272 -11.01 -10.96 17.62
N ARG A 273 -9.94 -10.43 18.21
CA ARG A 273 -8.61 -11.03 18.11
C ARG A 273 -8.62 -12.47 18.66
N GLU A 274 -9.19 -12.65 19.84
CA GLU A 274 -9.27 -13.95 20.47
C GLU A 274 -10.03 -14.99 19.63
N ARG A 275 -11.05 -14.55 18.91
CA ARG A 275 -11.83 -15.45 18.06
C ARG A 275 -11.07 -15.80 16.79
N ILE A 276 -10.28 -14.86 16.29
CA ILE A 276 -9.49 -15.10 15.10
C ILE A 276 -8.38 -16.10 15.41
N LEU A 277 -7.69 -15.88 16.53
CA LEU A 277 -6.61 -16.76 16.95
C LEU A 277 -7.08 -18.19 17.20
N ASP A 278 -8.32 -18.32 17.66
CA ASP A 278 -8.94 -19.61 17.92
C ASP A 278 -9.07 -20.41 16.63
N SER A 279 -9.69 -19.78 15.65
CA SER A 279 -9.91 -20.38 14.35
C SER A 279 -8.61 -20.83 13.71
N ILE A 280 -7.63 -19.93 13.71
CA ILE A 280 -6.32 -20.22 13.16
C ILE A 280 -5.77 -21.50 13.77
N HIS A 281 -5.88 -21.64 15.08
CA HIS A 281 -5.37 -22.83 15.74
C HIS A 281 -6.26 -24.05 15.61
N LEU A 282 -7.51 -23.86 15.19
CA LEU A 282 -8.41 -24.98 15.00
C LEU A 282 -8.37 -25.48 13.55
N GLY A 283 -7.89 -24.62 12.65
CA GLY A 283 -7.79 -25.00 11.25
C GLY A 283 -9.02 -24.69 10.44
N TYR A 284 -10.07 -24.19 11.09
CA TYR A 284 -11.30 -23.85 10.38
C TYR A 284 -11.89 -22.55 10.92
N VAL A 285 -12.80 -21.97 10.14
CA VAL A 285 -13.46 -20.74 10.48
C VAL A 285 -14.96 -21.05 10.57
N ILE A 286 -15.74 -20.18 11.20
CA ILE A 286 -17.18 -20.41 11.34
C ILE A 286 -18.02 -19.45 10.50
N SER A 287 -18.65 -20.00 9.47
CA SER A 287 -19.51 -19.21 8.59
C SER A 287 -20.74 -18.77 9.38
N GLU A 288 -21.49 -17.81 8.82
CA GLU A 288 -22.70 -17.28 9.44
C GLU A 288 -23.69 -18.37 9.82
N ASP A 289 -23.82 -19.36 8.95
CA ASP A 289 -24.74 -20.47 9.16
C ASP A 289 -24.20 -21.55 10.10
N GLY A 290 -23.25 -21.17 10.97
CA GLY A 290 -22.68 -22.10 11.91
C GLY A 290 -21.82 -23.22 11.36
N SER A 291 -21.64 -23.26 10.04
CA SER A 291 -20.82 -24.30 9.43
C SER A 291 -19.32 -23.99 9.50
N HIS A 292 -18.50 -25.02 9.38
CA HIS A 292 -17.05 -24.88 9.43
C HIS A 292 -16.44 -24.75 8.03
N LYS A 293 -15.61 -23.74 7.83
CA LYS A 293 -14.96 -23.53 6.55
C LYS A 293 -13.45 -23.67 6.80
N THR A 294 -12.87 -24.72 6.25
CA THR A 294 -11.45 -25.00 6.42
C THR A 294 -10.53 -23.95 5.82
N LEU A 295 -9.49 -23.60 6.57
CA LEU A 295 -8.50 -22.63 6.12
C LEU A 295 -7.43 -23.40 5.36
N ASP A 296 -7.79 -23.90 4.18
CA ASP A 296 -6.88 -24.65 3.35
C ASP A 296 -5.71 -23.80 2.86
N GLU A 297 -4.64 -24.46 2.41
CA GLU A 297 -3.44 -23.77 1.93
C GLU A 297 -3.73 -22.82 0.79
N LEU A 298 -4.61 -23.23 -0.10
CA LEU A 298 -4.95 -22.44 -1.26
C LEU A 298 -5.71 -21.15 -0.98
N HIS A 299 -6.72 -21.21 -0.11
CA HIS A 299 -7.53 -20.02 0.19
C HIS A 299 -7.46 -19.48 1.61
N GLY A 300 -6.69 -20.13 2.48
CA GLY A 300 -6.58 -19.72 3.87
C GLY A 300 -6.31 -18.25 4.08
N THR A 301 -5.19 -17.77 3.55
CA THR A 301 -4.79 -16.37 3.68
C THR A 301 -5.86 -15.41 3.16
N ASP A 302 -6.50 -15.78 2.06
CA ASP A 302 -7.54 -14.95 1.46
C ASP A 302 -8.76 -14.84 2.38
N ILE A 303 -9.22 -15.97 2.91
CA ILE A 303 -10.37 -16.00 3.83
C ILE A 303 -10.07 -15.17 5.08
N LEU A 304 -8.84 -15.29 5.56
CA LEU A 304 -8.40 -14.55 6.73
C LEU A 304 -8.37 -13.07 6.44
N GLY A 305 -7.76 -12.68 5.32
CA GLY A 305 -7.67 -11.28 4.96
C GLY A 305 -9.04 -10.63 4.89
N ALA A 306 -10.03 -11.39 4.45
CA ALA A 306 -11.40 -10.88 4.33
C ALA A 306 -12.04 -10.65 5.68
N LEU A 307 -11.75 -11.51 6.65
CA LEU A 307 -12.35 -11.34 7.97
C LEU A 307 -11.51 -10.53 8.95
N VAL A 308 -10.22 -10.36 8.65
CA VAL A 308 -9.33 -9.59 9.52
C VAL A 308 -9.48 -8.09 9.18
N GLU A 309 -9.35 -7.76 7.91
CA GLU A 309 -9.55 -6.38 7.51
C GLU A 309 -11.03 -6.19 7.77
N SER A 310 -11.75 -7.20 7.31
CA SER A 310 -13.19 -7.25 7.37
C SER A 310 -13.64 -6.44 6.19
N SER A 311 -13.74 -7.14 5.07
CA SER A 311 -14.23 -6.58 3.83
C SER A 311 -15.65 -7.16 3.80
N TYR A 312 -16.42 -6.80 2.78
CA TYR A 312 -17.79 -7.29 2.65
C TYR A 312 -17.79 -8.82 2.51
N GLU A 313 -16.71 -9.37 1.99
CA GLU A 313 -16.61 -10.81 1.77
C GLU A 313 -16.26 -11.66 2.97
N SER A 314 -16.27 -11.07 4.16
CA SER A 314 -15.97 -11.80 5.39
C SER A 314 -16.98 -12.94 5.59
N VAL A 315 -16.46 -14.10 5.95
CA VAL A 315 -17.29 -15.29 6.15
C VAL A 315 -18.27 -15.14 7.31
N ASN A 316 -17.98 -14.21 8.23
CA ASN A 316 -18.84 -14.00 9.39
C ASN A 316 -18.49 -12.69 10.10
N HIS A 317 -19.12 -11.59 9.67
CA HIS A 317 -18.90 -10.27 10.27
C HIS A 317 -19.28 -10.22 11.75
N GLU A 318 -20.52 -10.66 12.03
CA GLU A 318 -21.09 -10.67 13.37
C GLU A 318 -20.15 -11.26 14.42
N TYR A 319 -19.43 -12.30 14.02
CA TYR A 319 -18.52 -12.99 14.93
C TYR A 319 -17.07 -12.50 14.94
N TYR A 320 -16.46 -12.35 13.77
CA TYR A 320 -15.06 -11.92 13.71
C TYR A 320 -14.85 -10.42 13.76
N GLY A 321 -15.91 -9.67 13.51
CA GLY A 321 -15.82 -8.22 13.58
C GLY A 321 -15.23 -7.44 12.42
N ASN A 322 -14.41 -6.47 12.76
CA ASN A 322 -13.77 -5.56 11.81
C ASN A 322 -12.51 -5.05 12.51
N LEU A 323 -11.71 -5.99 13.00
CA LEU A 323 -10.50 -5.68 13.76
C LEU A 323 -9.58 -4.60 13.20
N HIS A 324 -8.99 -4.85 12.03
CA HIS A 324 -8.07 -3.90 11.41
C HIS A 324 -8.65 -2.50 11.25
N ASN A 325 -9.83 -2.40 10.65
CA ASN A 325 -10.49 -1.12 10.43
C ASN A 325 -10.81 -0.37 11.71
N TRP A 326 -11.21 -1.12 12.76
CA TRP A 326 -11.52 -0.52 14.05
C TRP A 326 -10.30 0.08 14.73
N GLY A 327 -9.12 -0.47 14.42
CA GLY A 327 -7.87 0.03 14.99
C GLY A 327 -7.56 1.41 14.43
N HIS A 328 -7.83 1.60 13.15
CA HIS A 328 -7.61 2.89 12.49
C HIS A 328 -8.54 3.91 13.13
N VAL A 329 -9.81 3.54 13.25
CA VAL A 329 -10.83 4.42 13.83
C VAL A 329 -10.56 4.79 15.28
N THR A 330 -10.24 3.82 16.12
CA THR A 330 -9.99 4.09 17.54
C THR A 330 -8.68 4.85 17.77
N MET A 331 -7.67 4.60 16.92
CA MET A 331 -6.40 5.30 17.05
C MET A 331 -6.49 6.74 16.53
N ALA A 332 -7.36 6.94 15.54
CA ALA A 332 -7.54 8.26 14.94
C ALA A 332 -8.41 9.15 15.80
N ARG A 333 -9.19 8.56 16.69
CA ARG A 333 -10.08 9.35 17.55
C ARG A 333 -9.70 9.27 19.02
N ILE A 334 -8.52 8.71 19.30
CA ILE A 334 -8.02 8.55 20.66
C ILE A 334 -8.00 9.84 21.48
N HIS A 335 -7.81 10.97 20.80
CA HIS A 335 -7.77 12.27 21.46
C HIS A 335 -9.14 12.78 21.88
N ASP A 336 -10.18 12.34 21.17
CA ASP A 336 -11.56 12.75 21.43
C ASP A 336 -12.53 11.59 21.17
N PRO A 337 -12.41 10.49 21.96
CA PRO A 337 -13.25 9.31 21.82
C PRO A 337 -14.77 9.45 21.76
N ASP A 338 -15.36 10.36 22.55
CA ASP A 338 -16.81 10.54 22.52
C ASP A 338 -17.28 11.82 21.84
N GLY A 339 -16.42 12.38 21.01
CA GLY A 339 -16.74 13.59 20.26
C GLY A 339 -17.11 14.85 21.00
N ARG A 340 -17.02 14.84 22.34
CA ARG A 340 -17.38 16.02 23.14
C ARG A 340 -16.59 17.28 22.80
N PHE A 341 -15.33 17.11 22.41
CA PHE A 341 -14.45 18.23 22.05
C PHE A 341 -14.59 18.68 20.61
N HIS A 342 -15.36 17.93 19.82
CA HIS A 342 -15.59 18.24 18.41
C HIS A 342 -14.30 18.41 17.63
N GLU A 343 -13.33 17.53 17.89
CA GLU A 343 -12.05 17.58 17.19
C GLU A 343 -12.04 16.54 16.08
N GLU A 344 -11.56 16.94 14.90
CA GLU A 344 -11.50 16.05 13.75
C GLU A 344 -10.56 14.89 14.06
N PRO A 345 -10.80 13.71 13.45
CA PRO A 345 -9.94 12.54 13.69
C PRO A 345 -8.51 12.78 13.23
N GLY A 346 -7.59 11.92 13.66
CA GLY A 346 -6.20 12.04 13.30
C GLY A 346 -5.89 11.51 11.90
N VAL A 347 -4.60 11.45 11.61
CA VAL A 347 -4.09 10.99 10.32
C VAL A 347 -4.40 9.52 10.00
N MET A 348 -4.66 8.71 11.03
CA MET A 348 -4.97 7.29 10.84
C MET A 348 -6.34 7.01 10.24
N SER A 349 -7.18 8.04 10.09
CA SER A 349 -8.53 7.87 9.54
C SER A 349 -8.60 7.85 8.02
N ASP A 350 -7.61 8.46 7.38
CA ASP A 350 -7.53 8.59 5.94
C ASP A 350 -6.45 7.67 5.39
N THR A 351 -6.70 7.07 4.23
CA THR A 351 -5.71 6.18 3.61
C THR A 351 -4.60 6.98 2.93
N SER A 352 -4.88 8.24 2.64
CA SER A 352 -3.88 9.10 1.99
C SER A 352 -2.93 9.76 2.99
N THR A 353 -3.18 9.54 4.28
CA THR A 353 -2.33 10.14 5.32
C THR A 353 -1.87 9.22 6.44
N SER A 354 -2.49 8.05 6.57
CA SER A 354 -2.14 7.12 7.65
C SER A 354 -0.70 6.65 7.76
N LEU A 355 0.00 6.55 6.63
CA LEU A 355 1.39 6.11 6.64
C LEU A 355 2.32 7.09 7.32
N ARG A 356 1.87 8.33 7.47
CA ARG A 356 2.65 9.38 8.12
C ARG A 356 2.76 9.16 9.63
N ASP A 357 1.79 8.44 10.18
CA ASP A 357 1.75 8.17 11.61
C ASP A 357 2.54 6.94 12.01
N PRO A 358 3.51 7.09 12.93
CA PRO A 358 4.32 5.97 13.40
C PRO A 358 3.52 4.77 13.91
N ILE A 359 2.37 4.99 14.55
CA ILE A 359 1.59 3.84 15.05
C ILE A 359 0.93 3.03 13.96
N PHE A 360 1.00 3.51 12.72
CA PHE A 360 0.45 2.79 11.58
C PHE A 360 1.19 1.48 11.53
N TYR A 361 2.49 1.56 11.76
CA TYR A 361 3.36 0.41 11.72
C TYR A 361 3.23 -0.54 12.90
N ASN A 362 2.98 -0.02 14.09
CA ASN A 362 2.82 -0.88 15.25
C ASN A 362 1.55 -1.68 15.04
N TRP A 363 0.49 -0.98 14.64
CA TRP A 363 -0.79 -1.62 14.39
C TRP A 363 -0.75 -2.67 13.30
N HIS A 364 -0.17 -2.31 12.16
CA HIS A 364 -0.09 -3.24 11.05
C HIS A 364 0.87 -4.40 11.25
N ARG A 365 1.86 -4.21 12.13
CA ARG A 365 2.78 -5.30 12.41
C ARG A 365 2.05 -6.25 13.36
N PHE A 366 1.08 -5.72 14.09
CA PHE A 366 0.26 -6.53 14.99
C PHE A 366 -0.67 -7.35 14.12
N ILE A 367 -1.27 -6.69 13.13
CA ILE A 367 -2.19 -7.35 12.20
C ILE A 367 -1.45 -8.39 11.38
N ASP A 368 -0.19 -8.09 11.06
CA ASP A 368 0.64 -9.00 10.30
C ASP A 368 1.00 -10.25 11.11
N ASN A 369 1.05 -10.10 12.43
CA ASN A 369 1.34 -11.21 13.34
C ASN A 369 0.21 -12.25 13.29
N ILE A 370 -1.02 -11.77 13.07
CA ILE A 370 -2.17 -12.65 12.96
C ILE A 370 -1.98 -13.54 11.73
N PHE A 371 -1.67 -12.93 10.59
CA PHE A 371 -1.43 -13.67 9.36
C PHE A 371 -0.20 -14.57 9.49
N HIS A 372 0.80 -14.09 10.20
CA HIS A 372 2.04 -14.82 10.41
C HIS A 372 1.74 -16.08 11.24
N GLU A 373 0.81 -15.94 12.19
CA GLU A 373 0.40 -17.03 13.05
C GLU A 373 -0.20 -18.15 12.20
N TYR A 374 -0.98 -17.78 11.20
CA TYR A 374 -1.61 -18.75 10.30
C TYR A 374 -0.58 -19.41 9.38
N LYS A 375 0.32 -18.61 8.83
CA LYS A 375 1.35 -19.12 7.94
C LYS A 375 2.25 -20.13 8.65
N ASN A 376 2.31 -20.02 9.97
CA ASN A 376 3.15 -20.93 10.74
C ASN A 376 2.52 -22.29 10.96
N THR A 377 1.22 -22.38 10.70
CA THR A 377 0.52 -23.65 10.83
C THR A 377 0.76 -24.47 9.57
N LEU A 378 1.28 -23.81 8.52
CA LEU A 378 1.57 -24.45 7.24
C LEU A 378 2.94 -25.12 7.27
N LYS A 379 3.06 -26.26 6.58
CA LYS A 379 4.31 -26.99 6.51
C LYS A 379 5.31 -26.25 5.65
N PRO A 380 6.59 -26.23 6.05
CA PRO A 380 7.61 -25.55 5.27
C PRO A 380 7.66 -26.19 3.88
N TYR A 381 8.09 -25.43 2.89
CA TYR A 381 8.18 -25.91 1.52
C TYR A 381 9.25 -26.99 1.39
N ASP A 382 8.89 -28.05 0.68
CA ASP A 382 9.81 -29.14 0.44
C ASP A 382 10.58 -28.82 -0.83
N HIS A 383 11.70 -29.51 -1.02
CA HIS A 383 12.56 -29.29 -2.17
C HIS A 383 11.84 -29.35 -3.52
N ASP A 384 10.83 -30.22 -3.62
CA ASP A 384 10.09 -30.36 -4.87
C ASP A 384 9.31 -29.10 -5.29
N VAL A 385 8.78 -28.36 -4.32
CA VAL A 385 8.01 -27.15 -4.62
C VAL A 385 8.91 -25.97 -5.00
N LEU A 386 9.97 -25.77 -4.22
CA LEU A 386 10.91 -24.68 -4.46
C LEU A 386 11.71 -24.88 -5.75
N ASN A 387 12.37 -26.03 -5.83
CA ASN A 387 13.22 -26.41 -6.94
C ASN A 387 12.57 -26.38 -8.33
N PHE A 388 13.40 -26.04 -9.32
CA PHE A 388 13.03 -25.98 -10.73
C PHE A 388 14.14 -26.87 -11.34
N PRO A 389 13.81 -28.14 -11.64
CA PRO A 389 14.65 -29.20 -12.21
C PRO A 389 15.82 -28.88 -13.14
N ASP A 390 15.55 -28.38 -14.33
CA ASP A 390 16.63 -28.13 -15.29
C ASP A 390 17.29 -26.75 -15.20
N ILE A 391 16.90 -25.96 -14.21
CA ILE A 391 17.44 -24.61 -14.04
C ILE A 391 18.49 -24.52 -12.94
N GLN A 392 19.53 -23.74 -13.19
CA GLN A 392 20.62 -23.52 -12.25
C GLN A 392 21.13 -22.08 -12.35
N VAL A 393 20.91 -21.29 -11.31
CA VAL A 393 21.38 -19.90 -11.31
C VAL A 393 22.86 -19.91 -10.94
N GLN A 394 23.70 -19.56 -11.91
CA GLN A 394 25.15 -19.55 -11.72
C GLN A 394 25.73 -18.27 -11.13
N ASP A 395 25.10 -17.13 -11.40
CA ASP A 395 25.62 -15.86 -10.89
C ASP A 395 24.61 -14.72 -11.05
N VAL A 396 24.65 -13.78 -10.11
CA VAL A 396 23.77 -12.61 -10.13
C VAL A 396 24.65 -11.37 -9.94
N THR A 397 24.40 -10.33 -10.73
CA THR A 397 25.17 -9.09 -10.64
C THR A 397 24.29 -7.86 -10.80
N LEU A 398 24.56 -6.84 -9.99
CA LEU A 398 23.81 -5.60 -10.04
C LEU A 398 24.70 -4.54 -10.70
N HIS A 399 24.27 -4.03 -11.85
CA HIS A 399 25.02 -3.03 -12.56
C HIS A 399 24.62 -1.61 -12.22
N ALA A 400 25.63 -0.80 -11.84
CA ALA A 400 25.44 0.60 -11.48
C ALA A 400 26.76 1.32 -11.70
N ARG A 401 26.90 2.53 -11.16
CA ARG A 401 28.13 3.30 -11.30
C ARG A 401 29.29 2.44 -10.77
N VAL A 402 29.00 1.73 -9.69
CA VAL A 402 29.92 0.80 -9.05
C VAL A 402 29.09 -0.49 -8.96
N ASP A 403 29.67 -1.61 -9.38
CA ASP A 403 28.95 -2.88 -9.33
C ASP A 403 28.60 -3.35 -7.93
N ASN A 404 27.41 -3.93 -7.82
CA ASN A 404 26.87 -4.47 -6.57
C ASN A 404 26.68 -3.45 -5.45
N VAL A 405 26.60 -2.18 -5.82
CA VAL A 405 26.38 -1.08 -4.88
C VAL A 405 25.35 -0.13 -5.48
N VAL A 406 24.31 0.17 -4.71
CA VAL A 406 23.27 1.08 -5.14
C VAL A 406 23.40 2.37 -4.33
N HIS A 407 23.31 3.51 -5.02
CA HIS A 407 23.44 4.81 -4.36
C HIS A 407 22.12 5.53 -4.19
N THR A 408 21.81 5.88 -2.94
CA THR A 408 20.59 6.62 -2.64
C THR A 408 20.99 8.05 -2.28
N PHE A 409 20.03 8.96 -2.42
CA PHE A 409 20.27 10.37 -2.14
C PHE A 409 18.94 11.11 -2.12
N MET A 410 18.95 12.36 -1.65
CA MET A 410 17.74 13.16 -1.59
C MET A 410 17.63 13.97 -2.88
N ARG A 411 16.40 14.17 -3.34
CA ARG A 411 16.13 14.91 -4.57
C ARG A 411 14.99 15.90 -4.32
N GLU A 412 15.15 17.11 -4.86
CA GLU A 412 14.14 18.15 -4.72
C GLU A 412 13.03 17.91 -5.73
N GLN A 413 11.82 18.37 -5.44
CA GLN A 413 10.70 18.21 -6.35
C GLN A 413 9.55 19.16 -6.08
N GLU A 414 8.82 19.49 -7.13
CA GLU A 414 7.70 20.41 -7.04
C GLU A 414 6.36 19.71 -6.92
N LEU A 415 5.34 20.50 -6.66
CA LEU A 415 3.97 20.02 -6.56
C LEU A 415 3.00 21.14 -6.89
N GLU A 416 2.19 20.92 -7.91
CA GLU A 416 1.19 21.88 -8.34
C GLU A 416 0.17 22.01 -7.21
N LEU A 417 -0.09 23.23 -6.78
CA LEU A 417 -1.09 23.44 -5.73
C LEU A 417 -2.25 24.20 -6.33
N LYS A 418 -2.11 24.56 -7.62
CA LYS A 418 -3.11 25.33 -8.37
C LYS A 418 -4.49 24.70 -8.52
N HIS A 419 -4.55 23.38 -8.47
CA HIS A 419 -5.79 22.65 -8.64
C HIS A 419 -6.52 22.25 -7.37
N GLY A 420 -5.88 22.48 -6.23
CA GLY A 420 -6.48 22.13 -4.95
C GLY A 420 -6.71 23.31 -4.04
N ILE A 421 -5.65 24.09 -3.83
CA ILE A 421 -5.75 25.27 -2.97
C ILE A 421 -5.90 26.50 -3.87
N ASN A 422 -7.08 27.11 -3.85
CA ASN A 422 -7.41 28.29 -4.67
C ASN A 422 -6.22 29.19 -5.05
N PRO A 423 -5.88 29.24 -6.35
CA PRO A 423 -4.78 30.02 -6.92
C PRO A 423 -4.98 31.53 -7.09
N GLY A 424 -6.23 31.93 -7.25
CA GLY A 424 -6.52 33.35 -7.46
C GLY A 424 -6.06 33.75 -8.84
N ASN A 425 -5.18 34.73 -8.92
CA ASN A 425 -4.65 35.19 -10.20
C ASN A 425 -3.23 34.71 -10.50
N ALA A 426 -2.70 33.86 -9.62
CA ALA A 426 -1.35 33.31 -9.79
C ALA A 426 -1.39 32.25 -10.88
N ARG A 427 -0.31 32.14 -11.64
CA ARG A 427 -0.22 31.15 -12.71
C ARG A 427 0.14 29.79 -12.13
N SER A 428 1.04 29.81 -11.15
CA SER A 428 1.48 28.58 -10.53
C SER A 428 1.82 28.78 -9.06
N ILE A 429 1.59 27.73 -8.27
CA ILE A 429 1.88 27.73 -6.85
C ILE A 429 2.55 26.38 -6.62
N LYS A 430 3.86 26.39 -6.50
CA LYS A 430 4.61 25.16 -6.31
C LYS A 430 5.27 25.04 -4.96
N ALA A 431 5.13 23.86 -4.36
CA ALA A 431 5.75 23.57 -3.07
C ALA A 431 6.95 22.67 -3.36
N ARG A 432 8.14 23.11 -3.00
CA ARG A 432 9.35 22.33 -3.23
C ARG A 432 9.67 21.44 -2.02
N TYR A 433 9.67 20.13 -2.24
CA TYR A 433 9.99 19.20 -1.17
C TYR A 433 11.11 18.27 -1.59
N TYR A 434 11.46 17.34 -0.71
CA TYR A 434 12.52 16.38 -0.97
C TYR A 434 12.06 14.95 -0.73
N HIS A 435 12.68 14.02 -1.42
CA HIS A 435 12.34 12.62 -1.28
C HIS A 435 13.57 11.75 -1.51
N LEU A 436 13.53 10.51 -1.02
CA LEU A 436 14.65 9.58 -1.21
C LEU A 436 14.65 9.13 -2.67
N ASP A 437 15.83 8.81 -3.20
CA ASP A 437 15.92 8.34 -4.57
C ASP A 437 17.16 7.48 -4.73
N HIS A 438 17.24 6.76 -5.85
CA HIS A 438 18.35 5.87 -6.12
C HIS A 438 18.84 5.99 -7.55
N GLU A 439 20.05 5.50 -7.79
CA GLU A 439 20.63 5.52 -9.11
C GLU A 439 20.03 4.35 -9.86
N PRO A 440 19.76 4.54 -11.17
CA PRO A 440 19.18 3.46 -11.95
C PRO A 440 20.18 2.32 -12.00
N PHE A 441 19.69 1.10 -11.89
CA PHE A 441 20.58 -0.05 -11.94
C PHE A 441 19.91 -1.16 -12.74
N SER A 442 20.62 -2.27 -12.90
CA SER A 442 20.08 -3.40 -13.65
C SER A 442 20.60 -4.69 -13.07
N TYR A 443 19.95 -5.80 -13.41
CA TYR A 443 20.38 -7.10 -12.93
C TYR A 443 20.93 -7.90 -14.09
N ALA A 444 21.88 -8.77 -13.78
CA ALA A 444 22.48 -9.65 -14.78
C ALA A 444 22.43 -11.03 -14.14
N VAL A 445 21.46 -11.84 -14.55
CA VAL A 445 21.32 -13.17 -14.00
C VAL A 445 21.78 -14.25 -14.99
N ASN A 446 22.84 -14.96 -14.63
CA ASN A 446 23.38 -16.02 -15.48
C ASN A 446 22.68 -17.32 -15.13
N VAL A 447 21.79 -17.76 -16.01
CA VAL A 447 21.04 -18.99 -15.81
C VAL A 447 21.47 -20.10 -16.74
N GLN A 448 21.75 -21.26 -16.16
CA GLN A 448 22.15 -22.44 -16.92
C GLN A 448 20.93 -23.35 -17.12
N ASN A 449 20.49 -23.47 -18.37
CA ASN A 449 19.34 -24.32 -18.71
C ASN A 449 19.87 -25.69 -19.17
N ASN A 450 19.86 -26.66 -18.26
CA ASN A 450 20.32 -28.01 -18.54
C ASN A 450 19.32 -28.88 -19.30
N SER A 451 18.21 -28.28 -19.71
CA SER A 451 17.19 -29.00 -20.46
C SER A 451 17.62 -29.00 -21.94
N ALA A 452 16.92 -29.81 -22.75
CA ALA A 452 17.22 -29.89 -24.17
C ALA A 452 16.19 -29.05 -24.94
N SER A 453 15.50 -28.17 -24.23
CA SER A 453 14.49 -27.32 -24.85
C SER A 453 14.30 -26.01 -24.10
N ASP A 454 13.51 -25.11 -24.68
CA ASP A 454 13.23 -23.81 -24.10
C ASP A 454 12.28 -23.92 -22.92
N LYS A 455 12.67 -23.25 -21.82
CA LYS A 455 11.87 -23.22 -20.61
C LYS A 455 11.48 -21.78 -20.32
N HIS A 456 10.30 -21.63 -19.73
CA HIS A 456 9.75 -20.33 -19.36
C HIS A 456 9.85 -20.25 -17.84
N ALA A 457 10.47 -19.18 -17.36
CA ALA A 457 10.65 -18.98 -15.92
C ALA A 457 10.13 -17.64 -15.42
N THR A 458 9.67 -17.65 -14.17
CA THR A 458 9.21 -16.44 -13.52
C THR A 458 10.39 -16.11 -12.61
N VAL A 459 11.02 -14.96 -12.87
CA VAL A 459 12.15 -14.50 -12.09
C VAL A 459 11.61 -13.66 -10.93
N ARG A 460 11.91 -14.11 -9.72
CA ARG A 460 11.49 -13.46 -8.48
C ARG A 460 12.69 -12.85 -7.79
N ILE A 461 12.65 -11.55 -7.57
CA ILE A 461 13.75 -10.82 -6.95
C ILE A 461 13.32 -10.12 -5.65
N PHE A 462 13.94 -10.51 -4.55
CA PHE A 462 13.65 -9.92 -3.24
C PHE A 462 14.92 -9.34 -2.64
N LEU A 463 14.76 -8.47 -1.65
CA LEU A 463 15.88 -7.84 -0.97
C LEU A 463 15.61 -8.00 0.52
N ALA A 464 16.66 -8.20 1.32
CA ALA A 464 16.49 -8.37 2.77
C ALA A 464 17.74 -7.93 3.52
N PRO A 465 17.58 -7.29 4.70
CA PRO A 465 18.71 -6.84 5.50
C PRO A 465 19.54 -8.04 5.95
N LYS A 466 20.86 -7.90 5.90
CA LYS A 466 21.73 -8.99 6.30
C LYS A 466 21.91 -9.03 7.82
N TYR A 467 22.06 -7.86 8.42
CA TYR A 467 22.26 -7.73 9.86
C TYR A 467 21.24 -6.76 10.46
N ASP A 468 21.04 -6.84 11.78
CA ASP A 468 20.14 -5.92 12.46
C ASP A 468 20.94 -4.70 12.91
N GLU A 469 20.29 -3.75 13.58
CA GLU A 469 20.95 -2.53 14.04
C GLU A 469 22.11 -2.75 15.03
N LEU A 470 22.22 -3.97 15.56
CA LEU A 470 23.28 -4.30 16.51
C LEU A 470 24.35 -5.24 15.93
N GLY A 471 24.37 -5.36 14.60
CA GLY A 471 25.35 -6.21 13.94
C GLY A 471 25.08 -7.70 13.96
N ASN A 472 23.97 -8.14 14.54
CA ASN A 472 23.64 -9.56 14.59
C ASN A 472 23.10 -10.04 13.24
N GLU A 473 23.53 -11.23 12.83
CA GLU A 473 23.09 -11.82 11.57
C GLU A 473 21.60 -12.18 11.66
N ILE A 474 20.78 -11.55 10.84
CA ILE A 474 19.34 -11.83 10.82
C ILE A 474 19.11 -13.23 10.24
N LYS A 475 18.57 -14.14 11.06
CA LYS A 475 18.32 -15.51 10.64
C LYS A 475 17.23 -15.70 9.60
N ALA A 476 17.32 -16.82 8.90
CA ALA A 476 16.40 -17.18 7.82
C ALA A 476 14.92 -16.98 8.07
N ASP A 477 14.45 -17.38 9.24
CA ASP A 477 13.04 -17.26 9.55
C ASP A 477 12.54 -15.85 9.79
N GLU A 478 13.39 -14.99 10.36
CA GLU A 478 12.97 -13.61 10.61
C GLU A 478 13.21 -12.70 9.39
N LEU A 479 13.90 -13.23 8.39
CA LEU A 479 14.16 -12.48 7.16
C LEU A 479 12.87 -12.42 6.35
N ARG A 480 12.05 -13.45 6.52
CA ARG A 480 10.76 -13.57 5.86
C ARG A 480 9.93 -12.32 6.11
N ARG A 481 10.10 -11.77 7.30
CA ARG A 481 9.35 -10.61 7.73
C ARG A 481 9.88 -9.26 7.24
N THR A 482 11.14 -9.22 6.82
CA THR A 482 11.73 -7.99 6.32
C THR A 482 12.19 -8.06 4.88
N ALA A 483 11.82 -9.13 4.19
CA ALA A 483 12.19 -9.27 2.79
C ALA A 483 11.20 -8.50 1.92
N ILE A 484 11.70 -7.52 1.17
CA ILE A 484 10.82 -6.73 0.31
C ILE A 484 10.94 -7.19 -1.12
N GLU A 485 9.82 -7.18 -1.85
CA GLU A 485 9.83 -7.61 -3.23
C GLU A 485 10.31 -6.49 -4.14
N LEU A 486 11.24 -6.83 -5.02
CA LEU A 486 11.78 -5.86 -5.95
C LEU A 486 11.29 -6.10 -7.35
N ASP A 487 11.18 -7.36 -7.76
CA ASP A 487 10.77 -7.64 -9.13
C ASP A 487 10.17 -9.03 -9.32
N LYS A 488 9.34 -9.13 -10.36
CA LYS A 488 8.69 -10.37 -10.76
C LYS A 488 8.39 -10.22 -12.26
N PHE A 489 9.01 -11.06 -13.08
CA PHE A 489 8.79 -10.98 -14.52
C PHE A 489 9.09 -12.30 -15.22
N LYS A 490 8.66 -12.41 -16.47
CA LYS A 490 8.86 -13.61 -17.27
C LYS A 490 10.00 -13.50 -18.29
N THR A 491 10.72 -14.60 -18.48
CA THR A 491 11.80 -14.71 -19.46
C THR A 491 11.85 -16.14 -19.97
N ASP A 492 12.40 -16.31 -21.17
CA ASP A 492 12.52 -17.63 -21.76
C ASP A 492 13.98 -18.04 -21.76
N LEU A 493 14.28 -19.14 -21.09
CA LEU A 493 15.64 -19.63 -21.04
C LEU A 493 15.86 -20.62 -22.19
N HIS A 494 16.94 -20.41 -22.95
CA HIS A 494 17.28 -21.30 -24.06
C HIS A 494 18.25 -22.34 -23.51
N PRO A 495 18.36 -23.51 -24.15
CA PRO A 495 19.29 -24.51 -23.63
C PRO A 495 20.72 -23.96 -23.47
N GLY A 496 21.35 -24.27 -22.35
CA GLY A 496 22.70 -23.80 -22.10
C GLY A 496 22.71 -22.48 -21.36
N LYS A 497 23.84 -21.76 -21.46
CA LYS A 497 24.01 -20.47 -20.82
C LYS A 497 23.05 -19.39 -21.28
N ASN A 498 22.55 -18.62 -20.32
CA ASN A 498 21.63 -17.51 -20.57
C ASN A 498 22.05 -16.37 -19.67
N THR A 499 21.69 -15.15 -20.07
CA THR A 499 21.98 -13.97 -19.28
C THR A 499 20.75 -13.09 -19.34
N VAL A 500 20.03 -13.05 -18.22
CA VAL A 500 18.82 -12.24 -18.12
C VAL A 500 19.18 -10.85 -17.65
N VAL A 501 18.83 -9.86 -18.45
CA VAL A 501 19.09 -8.47 -18.13
C VAL A 501 17.74 -7.82 -17.82
N ARG A 502 17.68 -7.08 -16.72
CA ARG A 502 16.44 -6.43 -16.28
C ARG A 502 16.79 -5.06 -15.69
N HIS A 503 15.99 -4.06 -16.00
CA HIS A 503 16.25 -2.72 -15.50
C HIS A 503 15.39 -2.30 -14.34
N SER A 504 15.99 -1.51 -13.44
CA SER A 504 15.30 -1.03 -12.25
C SER A 504 13.98 -0.35 -12.58
N LEU A 505 13.95 0.39 -13.69
CA LEU A 505 12.73 1.10 -14.11
C LEU A 505 11.58 0.16 -14.48
N ASP A 506 11.90 -1.09 -14.79
CA ASP A 506 10.89 -2.05 -15.20
C ASP A 506 10.20 -2.78 -14.06
N SER A 507 10.69 -2.60 -12.83
CA SER A 507 10.14 -3.23 -11.64
C SER A 507 8.62 -3.36 -11.64
N SER A 508 8.16 -4.56 -11.31
CA SER A 508 6.73 -4.90 -11.27
C SER A 508 5.98 -4.47 -10.01
N VAL A 509 6.68 -3.86 -9.06
CA VAL A 509 6.04 -3.39 -7.82
C VAL A 509 5.86 -1.88 -7.94
N THR A 510 6.63 -1.31 -8.85
CA THR A 510 6.70 0.11 -9.09
C THR A 510 5.78 0.70 -10.16
N LEU A 511 5.24 1.88 -9.87
CA LEU A 511 4.39 2.63 -10.78
C LEU A 511 5.38 3.53 -11.49
N SER A 512 5.62 3.29 -12.76
CA SER A 512 6.59 4.08 -13.51
C SER A 512 6.18 5.46 -14.01
N HIS A 513 4.89 5.79 -13.93
CA HIS A 513 4.44 7.10 -14.38
C HIS A 513 3.07 7.52 -13.88
N GLN A 514 2.98 8.77 -13.46
CA GLN A 514 1.74 9.34 -12.97
C GLN A 514 1.61 10.72 -13.61
N PRO A 515 0.65 10.88 -14.54
CA PRO A 515 0.41 12.14 -15.24
C PRO A 515 -0.16 13.17 -14.28
N THR A 516 0.36 14.40 -14.35
CA THR A 516 -0.11 15.47 -13.50
C THR A 516 -1.47 15.96 -14.02
N PHE A 517 -2.04 16.94 -13.33
CA PHE A 517 -3.33 17.50 -13.72
C PHE A 517 -3.19 18.18 -15.09
N GLU A 518 -2.07 18.89 -15.27
CA GLU A 518 -1.80 19.60 -16.52
C GLU A 518 -1.45 18.64 -17.66
N ASP A 519 -0.88 17.48 -17.32
CA ASP A 519 -0.52 16.47 -18.32
C ASP A 519 -1.80 15.89 -18.91
N LEU A 520 -2.78 15.66 -18.05
CA LEU A 520 -4.06 15.12 -18.46
C LEU A 520 -4.79 16.10 -19.37
N LEU A 521 -4.71 17.38 -19.02
CA LEU A 521 -5.34 18.46 -19.78
C LEU A 521 -4.36 18.97 -20.85
N SER A 531 -0.62 -1.76 -19.45
CA SER A 531 -1.15 -1.09 -18.23
C SER A 531 -1.76 0.29 -18.53
N GLU A 532 -0.95 1.34 -18.39
CA GLU A 532 -1.35 2.73 -18.66
C GLU A 532 -2.13 3.42 -17.55
N TYR A 533 -3.41 3.67 -17.81
CA TYR A 533 -4.31 4.41 -16.94
C TYR A 533 -4.45 4.25 -15.42
N CYS A 534 -3.92 3.20 -14.81
CA CYS A 534 -4.09 3.07 -13.36
C CYS A 534 -3.04 3.80 -12.52
N SER A 535 -3.47 4.32 -11.38
CA SER A 535 -2.62 5.08 -10.46
C SER A 535 -1.94 4.25 -9.36
N CYS A 536 -2.45 3.06 -9.09
CA CYS A 536 -1.89 2.19 -8.06
C CYS A 536 -0.48 1.76 -8.42
N GLY A 537 0.39 1.70 -7.42
CA GLY A 537 1.76 1.29 -7.65
C GLY A 537 2.73 1.97 -6.72
N TRP A 538 3.74 1.20 -6.30
CA TRP A 538 4.77 1.70 -5.40
C TRP A 538 5.60 2.79 -6.07
N PRO A 539 5.89 3.90 -5.35
CA PRO A 539 6.69 5.00 -5.91
C PRO A 539 8.08 4.54 -6.37
N SER A 540 8.43 4.88 -7.61
CA SER A 540 9.71 4.49 -8.20
C SER A 540 10.92 4.84 -7.37
N HIS A 541 10.91 6.04 -6.78
CA HIS A 541 12.04 6.49 -5.99
C HIS A 541 12.23 5.74 -4.67
N LEU A 542 11.18 5.07 -4.22
CA LEU A 542 11.25 4.31 -2.98
C LEU A 542 11.41 2.81 -3.23
N LEU A 543 12.00 2.48 -4.38
CA LEU A 543 12.20 1.07 -4.74
C LEU A 543 13.08 0.35 -3.74
N VAL A 544 14.13 1.01 -3.28
CA VAL A 544 15.04 0.40 -2.32
C VAL A 544 15.19 1.23 -1.03
N PRO A 545 15.67 0.58 0.05
CA PRO A 545 15.86 1.27 1.33
C PRO A 545 16.92 2.36 1.19
N LYS A 546 16.97 3.25 2.18
CA LYS A 546 17.93 4.34 2.17
C LYS A 546 19.35 3.83 2.38
N GLY A 547 19.53 2.92 3.34
CA GLY A 547 20.86 2.40 3.62
C GLY A 547 21.58 3.45 4.44
N ASN A 548 22.90 3.35 4.55
CA ASN A 548 23.66 4.33 5.31
C ASN A 548 24.93 4.76 4.58
N ILE A 549 25.58 5.82 5.05
CA ILE A 549 26.81 6.33 4.42
C ILE A 549 27.90 5.28 4.24
N LYS A 550 28.09 4.42 5.22
CA LYS A 550 29.11 3.37 5.13
C LYS A 550 28.73 2.41 4.01
N GLY A 551 27.43 2.16 3.89
CA GLY A 551 26.92 1.25 2.89
C GLY A 551 26.33 0.07 3.64
N MET A 552 25.01 -0.05 3.61
CA MET A 552 24.32 -1.13 4.31
C MET A 552 24.24 -2.41 3.48
N GLU A 553 24.64 -3.52 4.08
CA GLU A 553 24.63 -4.81 3.39
C GLU A 553 23.23 -5.43 3.31
N TYR A 554 22.85 -5.84 2.11
CA TYR A 554 21.56 -6.46 1.88
C TYR A 554 21.73 -7.72 1.06
N HIS A 555 20.82 -8.67 1.26
CA HIS A 555 20.84 -9.90 0.50
C HIS A 555 19.99 -9.66 -0.73
N LEU A 556 20.56 -9.89 -1.91
CA LEU A 556 19.81 -9.76 -3.14
C LEU A 556 19.45 -11.19 -3.49
N PHE A 557 18.21 -11.55 -3.20
CA PHE A 557 17.71 -12.89 -3.45
C PHE A 557 17.05 -12.94 -4.83
N VAL A 558 17.39 -13.95 -5.60
CA VAL A 558 16.82 -14.16 -6.93
C VAL A 558 16.42 -15.63 -7.02
N MET A 559 15.22 -15.88 -7.54
CA MET A 559 14.72 -17.25 -7.69
C MET A 559 13.91 -17.38 -8.98
N LEU A 560 14.08 -18.51 -9.67
CA LEU A 560 13.33 -18.76 -10.91
C LEU A 560 12.42 -19.96 -10.74
N THR A 561 11.15 -19.77 -11.06
CA THR A 561 10.17 -20.85 -10.94
C THR A 561 9.59 -21.15 -12.32
N ASP A 562 9.02 -22.34 -12.48
CA ASP A 562 8.44 -22.73 -13.76
C ASP A 562 7.16 -21.94 -14.03
N TRP A 563 7.26 -21.05 -15.00
CA TRP A 563 6.17 -20.18 -15.41
C TRP A 563 4.91 -20.94 -15.84
N ASP A 564 5.09 -22.14 -16.39
CA ASP A 564 3.95 -22.94 -16.82
C ASP A 564 3.08 -23.34 -15.64
N LYS A 565 3.63 -23.27 -14.43
CA LYS A 565 2.88 -23.60 -13.23
C LYS A 565 2.39 -22.33 -12.55
N ASP A 566 3.10 -21.22 -12.77
CA ASP A 566 2.74 -19.95 -12.16
C ASP A 566 1.68 -19.19 -12.95
N LYS A 567 1.72 -19.33 -14.28
CA LYS A 567 0.78 -18.63 -15.18
C LYS A 567 -0.68 -18.87 -14.83
N VAL A 568 -1.48 -17.81 -14.92
CA VAL A 568 -2.93 -17.89 -14.63
C VAL A 568 -3.73 -17.39 -15.83
N VAL A 574 -3.58 -8.29 -20.49
CA VAL A 574 -4.11 -7.63 -19.26
C VAL A 574 -3.66 -6.18 -19.19
N ALA A 575 -4.50 -5.33 -18.61
CA ALA A 575 -4.23 -3.91 -18.43
C ALA A 575 -3.77 -3.65 -17.00
N CYS A 576 -3.24 -2.45 -16.75
CA CYS A 576 -2.77 -2.03 -15.44
C CYS A 576 -1.94 -3.10 -14.71
N VAL A 577 -0.83 -3.48 -15.32
CA VAL A 577 0.07 -4.50 -14.81
C VAL A 577 1.47 -3.86 -14.57
N ASP A 578 1.51 -2.54 -14.51
CA ASP A 578 2.74 -1.80 -14.28
C ASP A 578 3.31 -2.11 -12.89
N ALA A 579 2.40 -2.31 -11.94
CA ALA A 579 2.76 -2.63 -10.57
C ALA A 579 1.98 -3.86 -10.11
N VAL A 580 1.97 -4.92 -10.92
CA VAL A 580 1.23 -6.16 -10.61
C VAL A 580 1.49 -6.73 -9.22
N SER A 581 2.75 -6.86 -8.87
CA SER A 581 3.14 -7.43 -7.58
C SER A 581 2.32 -6.88 -6.40
N TYR A 582 2.08 -5.57 -6.39
CA TYR A 582 1.34 -4.94 -5.31
C TYR A 582 -0.09 -4.56 -5.64
N CYS A 583 -0.35 -4.29 -6.90
CA CYS A 583 -1.67 -3.85 -7.35
C CYS A 583 -2.48 -4.86 -8.15
N GLY A 584 -1.85 -5.94 -8.58
CA GLY A 584 -2.55 -6.95 -9.38
C GLY A 584 -2.83 -6.47 -10.81
N ALA A 585 -3.70 -7.18 -11.52
CA ALA A 585 -4.06 -6.84 -12.88
C ALA A 585 -5.48 -6.30 -12.94
N ARG A 586 -5.72 -5.42 -13.91
CA ARG A 586 -7.02 -4.79 -14.12
C ARG A 586 -8.06 -5.79 -14.61
N ASP A 587 -9.13 -5.99 -13.84
CA ASP A 587 -10.20 -6.91 -14.22
C ASP A 587 -9.66 -8.24 -14.79
N HIS A 588 -8.78 -8.88 -14.03
CA HIS A 588 -8.17 -10.15 -14.43
C HIS A 588 -7.60 -10.75 -13.16
N LYS A 589 -7.51 -12.07 -13.10
CA LYS A 589 -6.96 -12.75 -11.93
C LYS A 589 -5.50 -12.37 -11.68
N TYR A 590 -5.06 -12.49 -10.43
CA TYR A 590 -3.67 -12.17 -10.08
C TYR A 590 -2.85 -13.18 -10.91
N PRO A 591 -2.02 -12.66 -11.83
CA PRO A 591 -1.16 -13.45 -12.73
C PRO A 591 -0.04 -14.33 -12.16
N ASP A 592 -0.18 -14.75 -10.92
CA ASP A 592 0.81 -15.61 -10.28
C ASP A 592 0.03 -16.57 -9.42
N LYS A 593 0.24 -17.87 -9.59
CA LYS A 593 -0.47 -18.88 -8.82
C LYS A 593 0.16 -19.15 -7.44
N LYS A 594 1.43 -18.79 -7.31
CA LYS A 594 2.16 -18.97 -6.05
C LYS A 594 1.63 -17.98 -5.00
N PRO A 595 1.70 -18.35 -3.71
CA PRO A 595 1.21 -17.46 -2.65
C PRO A 595 2.02 -16.16 -2.67
N MET A 596 1.33 -15.03 -2.51
CA MET A 596 2.00 -13.72 -2.49
C MET A 596 3.05 -13.63 -1.40
N GLY A 597 4.31 -13.46 -1.81
CA GLY A 597 5.42 -13.38 -0.88
C GLY A 597 6.31 -14.60 -0.96
N PHE A 598 6.00 -15.50 -1.91
CA PHE A 598 6.75 -16.74 -2.14
C PHE A 598 8.19 -16.41 -2.52
N PRO A 599 9.18 -17.19 -2.02
CA PRO A 599 9.09 -18.32 -1.09
C PRO A 599 9.29 -17.97 0.38
N PHE A 600 8.88 -16.77 0.79
CA PHE A 600 9.06 -16.35 2.17
C PHE A 600 7.81 -16.34 3.05
N ASP A 601 6.68 -16.76 2.49
CA ASP A 601 5.43 -16.77 3.26
C ASP A 601 5.37 -17.86 4.32
N ARG A 602 6.06 -18.97 4.09
CA ARG A 602 6.04 -20.08 5.02
C ARG A 602 7.31 -20.22 5.86
N PRO A 603 7.23 -20.93 7.00
CA PRO A 603 8.39 -21.11 7.88
C PRO A 603 9.57 -21.78 7.20
N ILE A 604 10.76 -21.31 7.56
CA ILE A 604 12.02 -21.84 7.06
C ILE A 604 12.72 -22.43 8.29
N HIS A 605 12.86 -23.75 8.30
CA HIS A 605 13.47 -24.45 9.42
C HIS A 605 15.00 -24.38 9.51
N THR A 606 15.62 -23.64 8.60
CA THR A 606 17.07 -23.49 8.60
C THR A 606 17.49 -22.22 9.32
N GLU A 607 18.72 -22.22 9.83
CA GLU A 607 19.24 -21.06 10.56
C GLU A 607 19.69 -19.96 9.60
N HIS A 608 20.41 -20.33 8.56
CA HIS A 608 20.91 -19.36 7.57
C HIS A 608 20.20 -19.58 6.24
N ILE A 609 19.98 -18.50 5.50
CA ILE A 609 19.31 -18.60 4.19
C ILE A 609 20.15 -19.31 3.16
N SER A 610 21.47 -19.27 3.33
CA SER A 610 22.37 -19.93 2.40
C SER A 610 22.11 -21.43 2.36
N ASP A 611 21.65 -21.99 3.48
CA ASP A 611 21.35 -23.43 3.54
C ASP A 611 19.94 -23.74 3.07
N PHE A 612 19.20 -22.70 2.72
CA PHE A 612 17.83 -22.82 2.24
C PHE A 612 17.81 -22.79 0.72
N LEU A 613 18.86 -22.21 0.15
CA LEU A 613 18.96 -22.09 -1.29
C LEU A 613 19.01 -23.38 -2.10
N THR A 614 18.19 -23.40 -3.15
CA THR A 614 18.15 -24.53 -4.08
C THR A 614 18.91 -24.03 -5.32
N ASN A 615 19.16 -24.91 -6.27
CA ASN A 615 19.90 -24.50 -7.47
C ASN A 615 19.29 -23.35 -8.28
N ASN A 616 17.97 -23.26 -8.28
CA ASN A 616 17.28 -22.20 -9.02
C ASN A 616 17.12 -20.91 -8.18
N MET A 617 17.88 -20.85 -7.08
CA MET A 617 17.89 -19.70 -6.17
C MET A 617 19.33 -19.21 -6.09
N PHE A 618 19.51 -17.95 -5.69
CA PHE A 618 20.85 -17.37 -5.57
C PHE A 618 20.81 -16.05 -4.83
N ILE A 619 21.76 -15.86 -3.91
CA ILE A 619 21.85 -14.63 -3.12
C ILE A 619 23.14 -13.92 -3.43
N LYS A 620 23.05 -12.62 -3.66
CA LYS A 620 24.21 -11.79 -3.95
C LYS A 620 24.28 -10.71 -2.89
N ASP A 621 25.43 -10.54 -2.26
CA ASP A 621 25.58 -9.52 -1.25
C ASP A 621 25.84 -8.16 -1.88
N ILE A 622 24.85 -7.29 -1.79
CA ILE A 622 25.00 -5.95 -2.33
C ILE A 622 25.04 -4.94 -1.19
N LYS A 623 25.18 -3.67 -1.52
CA LYS A 623 25.22 -2.61 -0.53
C LYS A 623 24.47 -1.41 -1.03
N ILE A 624 23.82 -0.69 -0.11
CA ILE A 624 23.09 0.50 -0.46
C ILE A 624 23.74 1.64 0.34
N LYS A 625 24.23 2.65 -0.38
CA LYS A 625 24.87 3.79 0.24
C LYS A 625 24.13 5.09 0.01
N PHE A 626 23.88 5.82 1.09
CA PHE A 626 23.20 7.11 1.00
C PHE A 626 24.25 8.22 0.85
N HIS A 627 23.92 9.23 0.05
CA HIS A 627 24.81 10.36 -0.18
C HIS A 627 24.17 11.60 0.46
N GLU A 628 24.78 12.07 1.54
CA GLU A 628 24.29 13.24 2.27
C GLU A 628 24.30 14.51 1.42
CU CU B . -4.71 -0.51 7.29
CU CU C . -4.24 0.39 4.33
CL CL D . -11.84 7.43 11.79
#